data_7XVI
#
_entry.id   7XVI
#
_cell.length_a   47.846
_cell.length_b   89.385
_cell.length_c   129.367
_cell.angle_alpha   90.000
_cell.angle_beta   90.000
_cell.angle_gamma   90.000
#
_symmetry.space_group_name_H-M   'P 2 21 21'
#
loop_
_entity.id
_entity.type
_entity.pdbx_description
1 polymer PITG_15142
2 non-polymer 1,2-ETHANEDIOL
3 non-polymer 'CADMIUM ION'
4 water water
#
_entity_poly.entity_id   1
_entity_poly.type   'polypeptide(L)'
_entity_poly.pdbx_seq_one_letter_code
;KYSMVTPNPLSSIDSHHISTKRLLRAGKTSYYDLDEERGVSGVSVESLSNSLKSTTNEQLMSWLNGGKNADDVFKLLTLD
DAAETLLASPQLQAWIKFMKKFNTENPKQQTTLIKTLTSHYGDDGVAKIIEAAKQVPATATIAKRLQTEQTQRWIAYEKS
PDVVFKLLKLNNAGDKLFKQPQVVTWAKYVDAFNKAHPEQKTTLFSMLKKYDEQTLVDMLIAAQKVPATEKIAVRVQADL
TNAWLSIQKSPNAIFKLLKLDMGGDALLESPLFVAWTKYTDYYNLMYHKETFPVISTLTKNYPNDKLASILALASMNPST
ESLASQLQRELLENWYKQGNAPSYVFKRLQLDKTGERLFDSPILDTWRQYVDYFRRRKPKQKVNMLAILKEHYKDDGVLA
KMLVEASEVSSTKTMATDLLDAFTLRWMYNRESPTNVYQWLRVEGTSKDNAIRKMYENYDQLYQMKYA
;
_entity_poly.pdbx_strand_id   A
#
# COMPACT_ATOMS: atom_id res chain seq x y z
N LEU A 52 -26.61 34.00 30.32
CA LEU A 52 -27.65 34.77 31.00
C LEU A 52 -27.82 34.32 32.45
N LYS A 53 -28.77 33.42 32.68
CA LYS A 53 -29.09 33.01 34.05
C LYS A 53 -27.87 32.40 34.73
N SER A 54 -27.62 32.82 35.96
CA SER A 54 -26.63 32.16 36.79
C SER A 54 -27.28 30.94 37.45
N THR A 55 -26.65 29.77 37.28
CA THR A 55 -27.29 28.50 37.64
C THR A 55 -26.96 28.13 39.08
N THR A 56 -27.62 28.84 40.00
CA THR A 56 -27.52 28.53 41.42
C THR A 56 -28.51 27.43 41.78
N ASN A 57 -28.19 26.68 42.83
CA ASN A 57 -29.17 25.76 43.41
C ASN A 57 -30.49 26.47 43.65
N GLU A 58 -30.42 27.67 44.20
CA GLU A 58 -31.63 28.41 44.56
C GLU A 58 -32.47 28.72 43.32
N GLN A 59 -31.80 29.15 42.25
CA GLN A 59 -32.44 29.31 40.94
C GLN A 59 -33.13 28.03 40.48
N LEU A 60 -32.42 26.91 40.53
CA LEU A 60 -32.98 25.65 40.04
C LEU A 60 -34.19 25.24 40.86
N MET A 61 -34.14 25.45 42.17
CA MET A 61 -35.30 25.18 43.02
C MET A 61 -36.48 26.06 42.59
N SER A 62 -36.21 27.34 42.34
CA SER A 62 -37.26 28.21 41.82
C SER A 62 -37.91 27.60 40.58
N TRP A 63 -37.08 27.19 39.61
CA TRP A 63 -37.63 26.58 38.39
C TRP A 63 -38.46 25.35 38.70
N LEU A 64 -37.89 24.41 39.47
CA LEU A 64 -38.56 23.14 39.72
C LEU A 64 -39.94 23.38 40.34
N ASN A 65 -40.00 24.24 41.37
CA ASN A 65 -41.29 24.53 41.97
C ASN A 65 -42.17 25.36 41.04
N GLY A 66 -41.56 26.12 40.14
CA GLY A 66 -42.31 26.93 39.19
C GLY A 66 -43.07 26.15 38.14
N GLY A 67 -42.89 24.83 38.09
CA GLY A 67 -43.61 23.99 37.16
C GLY A 67 -42.83 23.57 35.93
N LYS A 68 -41.65 24.14 35.71
CA LYS A 68 -40.83 23.74 34.57
C LYS A 68 -40.49 22.25 34.64
N ASN A 69 -40.42 21.61 33.49
CA ASN A 69 -39.92 20.25 33.38
C ASN A 69 -38.53 20.26 32.74
N ALA A 70 -37.99 19.06 32.53
CA ALA A 70 -36.59 18.94 32.13
C ALA A 70 -36.32 19.60 30.79
N ASP A 71 -37.18 19.36 29.80
CA ASP A 71 -36.95 19.96 28.49
C ASP A 71 -37.11 21.47 28.52
N ASP A 72 -38.03 21.95 29.36
CA ASP A 72 -38.16 23.39 29.55
C ASP A 72 -36.83 23.99 29.98
N VAL A 73 -36.21 23.42 31.02
CA VAL A 73 -34.95 23.93 31.52
C VAL A 73 -33.83 23.75 30.50
N PHE A 74 -33.85 22.66 29.73
CA PHE A 74 -32.91 22.50 28.63
C PHE A 74 -32.97 23.69 27.68
N LYS A 75 -34.17 24.07 27.27
CA LYS A 75 -34.31 25.22 26.38
C LYS A 75 -33.92 26.52 27.07
N LEU A 76 -34.27 26.69 28.35
CA LEU A 76 -33.92 27.91 29.07
C LEU A 76 -32.40 28.09 29.18
N LEU A 77 -31.67 27.02 29.53
CA LEU A 77 -30.22 27.16 29.57
C LEU A 77 -29.61 27.25 28.19
N THR A 78 -30.41 27.19 27.13
CA THR A 78 -29.92 27.28 25.75
C THR A 78 -28.96 26.14 25.43
N LEU A 79 -29.24 24.94 25.96
CA LEU A 79 -28.42 23.79 25.64
C LEU A 79 -28.87 23.09 24.36
N ASP A 80 -29.99 23.51 23.78
CA ASP A 80 -30.19 23.31 22.36
C ASP A 80 -29.37 24.37 21.60
N ASP A 81 -28.99 24.03 20.38
CA ASP A 81 -28.15 24.92 19.57
C ASP A 81 -26.88 25.33 20.33
N ALA A 82 -26.26 24.34 20.99
CA ALA A 82 -24.95 24.55 21.62
C ALA A 82 -24.07 23.32 21.44
N ALA A 83 -24.25 22.59 20.33
CA ALA A 83 -23.51 21.35 20.14
C ALA A 83 -22.01 21.57 20.17
N GLU A 84 -21.56 22.78 19.80
CA GLU A 84 -20.13 23.07 19.82
C GLU A 84 -19.58 23.05 21.24
N THR A 85 -20.40 23.40 22.23
CA THR A 85 -19.90 23.79 23.54
C THR A 85 -20.56 23.09 24.72
N LEU A 86 -21.68 22.39 24.52
CA LEU A 86 -22.53 22.03 25.66
C LEU A 86 -21.87 21.00 26.58
N LEU A 87 -21.04 20.11 26.05
CA LEU A 87 -20.45 19.10 26.92
C LEU A 87 -19.47 19.72 27.92
N ALA A 88 -18.84 20.83 27.56
CA ALA A 88 -17.93 21.51 28.47
C ALA A 88 -18.58 22.65 29.26
N SER A 89 -19.71 23.17 28.79
CA SER A 89 -20.36 24.27 29.48
C SER A 89 -20.86 23.81 30.86
N PRO A 90 -20.84 24.69 31.85
CA PRO A 90 -21.44 24.36 33.15
C PRO A 90 -22.96 24.40 33.14
N GLN A 91 -23.59 24.97 32.11
CA GLN A 91 -25.03 24.93 32.01
C GLN A 91 -25.52 23.48 31.95
N LEU A 92 -24.79 22.62 31.26
CA LEU A 92 -25.18 21.21 31.21
C LEU A 92 -25.11 20.57 32.58
N GLN A 93 -24.09 20.90 33.37
CA GLN A 93 -24.00 20.34 34.71
C GLN A 93 -25.14 20.83 35.60
N ALA A 94 -25.46 22.12 35.51
CA ALA A 94 -26.63 22.62 36.22
C ALA A 94 -27.88 21.85 35.81
N TRP A 95 -28.04 21.61 34.51
CA TRP A 95 -29.20 20.86 34.03
C TRP A 95 -29.18 19.43 34.52
N ILE A 96 -27.99 18.85 34.77
CA ILE A 96 -27.93 17.49 35.31
C ILE A 96 -28.42 17.46 36.75
N LYS A 97 -27.95 18.41 37.56
CA LYS A 97 -28.56 18.62 38.88
C LYS A 97 -30.08 18.68 38.79
N PHE A 98 -30.58 19.58 37.94
CA PHE A 98 -32.03 19.75 37.87
C PHE A 98 -32.70 18.47 37.40
N MET A 99 -32.06 17.74 36.48
CA MET A 99 -32.57 16.44 36.05
C MET A 99 -32.78 15.52 37.22
N LYS A 100 -31.75 15.37 38.06
CA LYS A 100 -31.87 14.43 39.18
C LYS A 100 -33.01 14.85 40.09
N LYS A 101 -33.08 16.14 40.42
CA LYS A 101 -34.11 16.54 41.37
C LYS A 101 -35.50 16.40 40.77
N PHE A 102 -35.64 16.69 39.47
CA PHE A 102 -36.91 16.49 38.77
C PHE A 102 -37.29 15.01 38.75
N ASN A 103 -36.32 14.14 38.44
CA ASN A 103 -36.54 12.71 38.43
C ASN A 103 -37.12 12.25 39.76
N THR A 104 -36.54 12.71 40.87
CA THR A 104 -37.04 12.32 42.18
C THR A 104 -38.53 12.65 42.31
N GLU A 105 -38.93 13.87 41.93
CA GLU A 105 -40.28 14.31 42.26
C GLU A 105 -41.33 13.72 41.34
N ASN A 106 -40.92 13.15 40.21
CA ASN A 106 -41.83 12.60 39.19
C ASN A 106 -41.47 11.13 38.94
N PRO A 107 -41.76 10.25 39.90
CA PRO A 107 -41.24 8.87 39.82
C PRO A 107 -41.86 8.00 38.74
N LYS A 108 -43.03 8.35 38.18
CA LYS A 108 -43.64 7.54 37.15
C LYS A 108 -42.98 7.74 35.79
N GLN A 109 -42.13 8.77 35.66
CA GLN A 109 -41.32 9.09 34.48
C GLN A 109 -39.87 9.40 34.83
N GLN A 110 -38.94 8.86 34.04
CA GLN A 110 -37.52 9.14 34.18
C GLN A 110 -37.04 9.90 32.95
N THR A 111 -36.12 10.83 33.17
CA THR A 111 -35.40 11.46 32.07
C THR A 111 -33.91 11.17 32.22
N THR A 112 -33.26 10.99 31.08
CA THR A 112 -31.83 10.76 31.02
C THR A 112 -31.18 11.85 30.17
N LEU A 113 -29.88 12.01 30.38
CA LEU A 113 -29.08 12.90 29.54
C LEU A 113 -29.09 12.43 28.09
N ILE A 114 -28.83 11.14 27.88
CA ILE A 114 -28.67 10.61 26.53
C ILE A 114 -29.96 10.81 25.74
N LYS A 115 -31.11 10.53 26.36
CA LYS A 115 -32.39 10.65 25.66
C LYS A 115 -32.72 12.10 25.34
N THR A 116 -32.39 13.03 26.25
CA THR A 116 -32.68 14.44 26.00
C THR A 116 -31.81 14.99 24.88
N LEU A 117 -30.50 14.72 24.93
CA LEU A 117 -29.63 15.13 23.83
C LEU A 117 -30.05 14.48 22.53
N THR A 118 -30.58 13.26 22.58
CA THR A 118 -31.11 12.64 21.37
C THR A 118 -32.33 13.39 20.86
N SER A 119 -33.28 13.69 21.74
CA SER A 119 -34.44 14.46 21.34
C SER A 119 -34.04 15.76 20.65
N HIS A 120 -32.92 16.35 21.06
CA HIS A 120 -32.56 17.65 20.53
C HIS A 120 -31.50 17.62 19.42
N TYR A 121 -30.86 16.48 19.14
CA TYR A 121 -29.84 16.43 18.11
C TYR A 121 -29.83 15.17 17.25
N GLY A 122 -30.79 14.26 17.41
CA GLY A 122 -30.67 13.00 16.71
C GLY A 122 -29.45 12.21 17.16
N ASP A 123 -29.46 10.92 16.79
CA ASP A 123 -28.32 10.07 17.05
C ASP A 123 -27.07 10.62 16.38
N ASP A 124 -27.23 11.21 15.19
CA ASP A 124 -26.08 11.77 14.49
C ASP A 124 -25.47 12.93 15.25
N GLY A 125 -26.29 13.85 15.79
CA GLY A 125 -25.72 14.94 16.56
C GLY A 125 -25.07 14.48 17.84
N VAL A 126 -25.70 13.53 18.54
CA VAL A 126 -25.05 13.05 19.77
C VAL A 126 -23.72 12.38 19.44
N ALA A 127 -23.67 11.59 18.37
CA ALA A 127 -22.42 10.95 17.98
C ALA A 127 -21.36 11.98 17.64
N LYS A 128 -21.72 12.97 16.83
CA LYS A 128 -20.75 13.99 16.44
C LYS A 128 -20.26 14.76 17.67
N ILE A 129 -21.18 15.07 18.59
CA ILE A 129 -20.80 15.81 19.79
C ILE A 129 -19.82 15.00 20.62
N ILE A 130 -20.10 13.71 20.81
CA ILE A 130 -19.20 12.87 21.60
C ILE A 130 -17.82 12.79 20.95
N GLU A 131 -17.79 12.56 19.64
CA GLU A 131 -16.51 12.39 18.97
C GLU A 131 -15.70 13.68 19.00
N ALA A 132 -16.35 14.82 18.81
CA ALA A 132 -15.65 16.10 18.95
C ALA A 132 -15.20 16.32 20.39
N ALA A 133 -16.04 15.96 21.36
CA ALA A 133 -15.74 16.22 22.76
C ALA A 133 -14.53 15.44 23.24
N LYS A 134 -14.39 14.20 22.77
CA LYS A 134 -13.25 13.42 23.23
C LYS A 134 -11.92 13.95 22.70
N GLN A 135 -11.94 14.91 21.78
CA GLN A 135 -10.70 15.55 21.34
C GLN A 135 -10.16 16.50 22.40
N VAL A 136 -11.02 17.35 22.96
CA VAL A 136 -10.63 18.24 24.06
C VAL A 136 -10.41 17.38 25.30
N PRO A 137 -9.22 17.41 25.90
CA PRO A 137 -8.97 16.54 27.07
C PRO A 137 -9.90 16.81 28.24
N ALA A 138 -10.29 18.06 28.47
CA ALA A 138 -11.18 18.35 29.59
C ALA A 138 -12.51 17.62 29.45
N THR A 139 -12.98 17.45 28.21
CA THR A 139 -14.25 16.77 27.96
C THR A 139 -14.12 15.26 27.92
N ALA A 140 -12.89 14.73 27.78
CA ALA A 140 -12.71 13.33 27.41
C ALA A 140 -13.51 12.37 28.30
N THR A 141 -13.52 12.61 29.61
CA THR A 141 -14.18 11.68 30.52
C THR A 141 -15.68 11.63 30.27
N ILE A 142 -16.35 12.80 30.27
CA ILE A 142 -17.78 12.83 30.02
C ILE A 142 -18.08 12.32 28.62
N ALA A 143 -17.17 12.58 27.66
CA ALA A 143 -17.39 12.08 26.31
C ALA A 143 -17.45 10.56 26.29
N LYS A 144 -16.48 9.91 26.96
CA LYS A 144 -16.52 8.46 27.07
C LYS A 144 -17.79 7.99 27.75
N ARG A 145 -18.19 8.66 28.83
CA ARG A 145 -19.38 8.22 29.56
C ARG A 145 -20.64 8.34 28.70
N LEU A 146 -20.77 9.42 27.93
CA LEU A 146 -21.91 9.53 27.03
C LEU A 146 -21.88 8.47 25.93
N GLN A 147 -20.70 8.15 25.39
CA GLN A 147 -20.76 7.17 24.32
C GLN A 147 -21.08 5.79 24.88
N THR A 148 -20.60 5.51 26.10
CA THR A 148 -21.08 4.34 26.85
C THR A 148 -22.60 4.35 26.97
N GLU A 149 -23.15 5.48 27.41
CA GLU A 149 -24.60 5.59 27.60
C GLU A 149 -25.34 5.32 26.30
N GLN A 150 -24.85 5.90 25.21
CA GLN A 150 -25.52 5.78 23.92
C GLN A 150 -25.53 4.33 23.44
N THR A 151 -24.37 3.66 23.47
CA THR A 151 -24.34 2.29 23.02
C THR A 151 -25.16 1.38 23.93
N GLN A 152 -25.15 1.66 25.25
CA GLN A 152 -26.01 0.93 26.16
C GLN A 152 -27.47 1.07 25.75
N ARG A 153 -27.90 2.31 25.47
CA ARG A 153 -29.26 2.55 25.03
C ARG A 153 -29.58 1.74 23.79
N TRP A 154 -28.69 1.77 22.79
CA TRP A 154 -28.95 1.05 21.56
C TRP A 154 -29.10 -0.44 21.82
N ILE A 155 -28.22 -1.01 22.66
CA ILE A 155 -28.28 -2.43 22.97
C ILE A 155 -29.57 -2.77 23.71
N ALA A 156 -30.02 -1.87 24.58
CA ALA A 156 -31.29 -2.09 25.28
C ALA A 156 -32.44 -2.25 24.29
N TYR A 157 -32.51 -1.34 23.31
CA TYR A 157 -33.55 -1.32 22.28
C TYR A 157 -33.34 -2.37 21.21
N GLU A 158 -32.37 -3.27 21.40
CA GLU A 158 -32.11 -4.35 20.45
C GLU A 158 -31.80 -3.82 19.06
N LYS A 159 -31.16 -2.66 18.97
CA LYS A 159 -30.80 -2.09 17.68
C LYS A 159 -29.59 -2.81 17.10
N SER A 160 -29.74 -3.33 15.87
CA SER A 160 -28.65 -4.04 15.24
C SER A 160 -27.65 -3.05 14.65
N PRO A 161 -26.38 -3.46 14.50
CA PRO A 161 -25.36 -2.53 14.02
C PRO A 161 -25.70 -1.90 12.68
N ASP A 162 -26.41 -2.62 11.80
CA ASP A 162 -26.76 -2.04 10.50
C ASP A 162 -27.83 -0.96 10.65
N VAL A 163 -28.82 -1.21 11.50
CA VAL A 163 -29.83 -0.17 11.78
C VAL A 163 -29.16 1.07 12.37
N VAL A 164 -28.22 0.87 13.30
CA VAL A 164 -27.50 1.99 13.88
C VAL A 164 -26.68 2.70 12.81
N PHE A 165 -26.08 1.93 11.89
CA PHE A 165 -25.39 2.49 10.74
C PHE A 165 -26.29 3.43 9.96
N LYS A 166 -27.56 3.05 9.79
CA LYS A 166 -28.49 3.91 9.07
C LYS A 166 -28.90 5.12 9.90
N LEU A 167 -29.11 4.94 11.21
CA LEU A 167 -29.44 6.05 12.08
C LEU A 167 -28.39 7.14 12.05
N LEU A 168 -27.13 6.76 11.86
CA LEU A 168 -26.02 7.68 11.90
C LEU A 168 -25.73 8.33 10.55
N LYS A 169 -26.71 8.33 9.65
CA LYS A 169 -26.61 8.95 8.33
C LYS A 169 -25.47 8.39 7.50
N LEU A 170 -24.89 7.25 7.91
CA LEU A 170 -23.75 6.68 7.20
C LEU A 170 -24.14 6.02 5.89
N ASN A 171 -25.40 5.60 5.73
CA ASN A 171 -25.80 5.02 4.46
C ASN A 171 -25.67 6.01 3.32
N ASN A 172 -25.80 7.31 3.61
CA ASN A 172 -25.71 8.36 2.60
C ASN A 172 -24.31 8.95 2.49
N ALA A 173 -23.35 8.49 3.29
CA ALA A 173 -22.02 9.09 3.27
C ALA A 173 -21.35 8.95 1.91
N GLY A 174 -21.71 7.93 1.15
CA GLY A 174 -21.09 7.71 -0.14
C GLY A 174 -19.59 7.54 0.00
N ASP A 175 -18.86 7.95 -1.05
CA ASP A 175 -17.41 7.82 -1.02
C ASP A 175 -16.76 8.63 0.10
N LYS A 176 -17.56 9.39 0.87
CA LYS A 176 -17.04 10.17 1.98
C LYS A 176 -17.36 9.51 3.33
N LEU A 177 -17.65 8.20 3.32
CA LEU A 177 -18.03 7.49 4.52
C LEU A 177 -17.08 7.78 5.68
N PHE A 178 -15.78 7.67 5.43
CA PHE A 178 -14.79 7.76 6.50
C PHE A 178 -14.41 9.20 6.85
N LYS A 179 -14.98 10.19 6.18
CA LYS A 179 -14.76 11.57 6.60
C LYS A 179 -15.78 12.02 7.64
N GLN A 180 -16.87 11.28 7.82
CA GLN A 180 -17.81 11.56 8.89
C GLN A 180 -17.22 11.15 10.24
N PRO A 181 -17.20 12.05 11.23
CA PRO A 181 -16.67 11.64 12.53
C PRO A 181 -17.43 10.46 13.14
N GLN A 182 -18.76 10.48 13.04
CA GLN A 182 -19.56 9.49 13.73
C GLN A 182 -19.31 8.07 13.23
N VAL A 183 -18.66 7.91 12.08
CA VAL A 183 -18.28 6.56 11.66
C VAL A 183 -17.56 5.85 12.81
N VAL A 184 -16.68 6.57 13.51
CA VAL A 184 -15.95 5.96 14.62
C VAL A 184 -16.93 5.43 15.65
N THR A 185 -17.92 6.25 16.04
CA THR A 185 -18.94 5.78 16.97
C THR A 185 -19.50 4.46 16.49
N TRP A 186 -19.94 4.42 15.22
CA TRP A 186 -20.50 3.20 14.68
C TRP A 186 -19.54 2.04 14.90
N ALA A 187 -18.27 2.23 14.53
CA ALA A 187 -17.29 1.17 14.73
C ALA A 187 -17.29 0.71 16.17
N LYS A 188 -17.15 1.66 17.10
CA LYS A 188 -17.09 1.27 18.51
C LYS A 188 -18.35 0.52 18.90
N TYR A 189 -19.51 0.95 18.39
CA TYR A 189 -20.75 0.26 18.73
C TYR A 189 -20.67 -1.21 18.35
N VAL A 190 -20.16 -1.50 17.15
CA VAL A 190 -20.04 -2.89 16.75
C VAL A 190 -19.27 -3.67 17.80
N ASP A 191 -18.16 -3.11 18.27
CA ASP A 191 -17.40 -3.76 19.34
C ASP A 191 -18.30 -4.06 20.53
N ALA A 192 -19.03 -3.05 21.02
CA ALA A 192 -19.99 -3.28 22.08
C ALA A 192 -20.99 -4.36 21.68
N PHE A 193 -21.57 -4.25 20.48
CA PHE A 193 -22.54 -5.24 20.06
C PHE A 193 -21.94 -6.63 20.02
N ASN A 194 -20.62 -6.73 19.84
CA ASN A 194 -19.96 -8.01 19.77
C ASN A 194 -19.38 -8.47 21.10
N LYS A 195 -19.46 -7.63 22.13
CA LYS A 195 -19.03 -8.02 23.47
C LYS A 195 -20.20 -8.56 24.29
N ALA A 196 -21.28 -7.79 24.39
CA ALA A 196 -22.57 -8.41 24.52
C ALA A 196 -22.87 -9.17 23.23
N HIS A 197 -23.81 -10.10 23.29
CA HIS A 197 -24.10 -10.85 22.08
C HIS A 197 -22.87 -11.59 21.56
N PRO A 198 -22.13 -12.31 22.41
CA PRO A 198 -21.01 -13.12 21.89
C PRO A 198 -21.47 -14.37 21.14
N GLU A 199 -22.77 -14.55 20.99
CA GLU A 199 -23.38 -15.63 20.22
C GLU A 199 -23.12 -15.52 18.73
N GLN A 200 -22.39 -14.49 18.30
CA GLN A 200 -22.15 -14.19 16.89
C GLN A 200 -21.03 -13.15 16.84
N LYS A 201 -20.67 -12.77 15.63
CA LYS A 201 -19.61 -11.77 15.44
C LYS A 201 -19.92 -11.00 14.17
N THR A 202 -20.06 -9.68 14.30
CA THR A 202 -20.46 -8.82 13.18
C THR A 202 -19.25 -8.04 12.69
N THR A 203 -19.09 -8.00 11.37
CA THR A 203 -17.93 -7.37 10.73
C THR A 203 -18.34 -6.01 10.19
N LEU A 204 -17.40 -5.06 10.23
CA LEU A 204 -17.67 -3.76 9.62
C LEU A 204 -17.90 -3.90 8.13
N PHE A 205 -17.08 -4.73 7.46
CA PHE A 205 -17.22 -4.95 6.03
C PHE A 205 -18.63 -5.38 5.65
N SER A 206 -19.33 -6.08 6.55
CA SER A 206 -20.65 -6.59 6.20
C SER A 206 -21.63 -5.49 5.86
N MET A 207 -21.37 -4.25 6.25
CA MET A 207 -22.22 -3.13 5.84
C MET A 207 -21.68 -2.37 4.65
N LEU A 208 -20.54 -2.77 4.09
CA LEU A 208 -19.83 -1.95 3.12
C LEU A 208 -19.90 -2.50 1.70
N LYS A 209 -20.71 -3.52 1.45
CA LYS A 209 -20.75 -4.14 0.12
C LYS A 209 -21.64 -3.38 -0.86
N LYS A 210 -22.13 -2.21 -0.51
CA LYS A 210 -22.76 -1.34 -1.50
C LYS A 210 -21.73 -0.77 -2.47
N TYR A 211 -20.45 -0.82 -2.11
CA TYR A 211 -19.41 -0.03 -2.75
C TYR A 211 -18.73 -0.81 -3.86
N ASP A 212 -18.14 -0.08 -4.80
CA ASP A 212 -17.13 -0.64 -5.67
C ASP A 212 -15.88 -0.95 -4.85
N GLU A 213 -15.26 -2.10 -5.14
CA GLU A 213 -14.08 -2.47 -4.36
C GLU A 213 -12.92 -1.53 -4.62
N GLN A 214 -12.77 -1.01 -5.84
CA GLN A 214 -11.71 -0.04 -6.10
C GLN A 214 -11.95 1.26 -5.33
N THR A 215 -13.19 1.76 -5.35
CA THR A 215 -13.51 2.97 -4.59
C THR A 215 -13.32 2.73 -3.10
N LEU A 216 -13.75 1.56 -2.60
CA LEU A 216 -13.54 1.23 -1.21
C LEU A 216 -12.06 1.22 -0.86
N VAL A 217 -11.23 0.66 -1.75
CA VAL A 217 -9.79 0.61 -1.50
C VAL A 217 -9.20 2.02 -1.47
N ASP A 218 -9.66 2.89 -2.37
CA ASP A 218 -9.22 4.28 -2.33
C ASP A 218 -9.58 4.92 -1.00
N MET A 219 -10.82 4.70 -0.53
CA MET A 219 -11.25 5.27 0.74
C MET A 219 -10.40 4.75 1.88
N LEU A 220 -10.10 3.45 1.89
CA LEU A 220 -9.28 2.86 2.95
C LEU A 220 -7.88 3.45 2.93
N ILE A 221 -7.26 3.53 1.75
CA ILE A 221 -5.92 4.10 1.65
C ILE A 221 -5.91 5.52 2.20
N ALA A 222 -6.91 6.32 1.81
CA ALA A 222 -6.94 7.71 2.26
C ALA A 222 -7.15 7.80 3.76
N ALA A 223 -8.10 7.02 4.30
CA ALA A 223 -8.43 7.11 5.72
C ALA A 223 -7.34 6.53 6.60
N GLN A 224 -6.50 5.64 6.09
CA GLN A 224 -5.39 5.13 6.89
C GLN A 224 -4.40 6.22 7.25
N LYS A 225 -4.34 7.30 6.48
CA LYS A 225 -3.45 8.40 6.80
C LYS A 225 -3.95 9.21 7.99
N VAL A 226 -5.25 9.52 8.01
CA VAL A 226 -5.84 10.28 9.12
C VAL A 226 -5.81 9.41 10.37
N PRO A 227 -5.17 9.86 11.45
CA PRO A 227 -5.08 9.00 12.65
C PRO A 227 -6.43 8.61 13.21
N ALA A 228 -7.41 9.52 13.22
CA ALA A 228 -8.71 9.23 13.82
C ALA A 228 -9.28 7.93 13.23
N THR A 229 -9.36 7.86 11.92
CA THR A 229 -9.87 6.67 11.23
C THR A 229 -8.73 5.82 10.69
N GLU A 230 -7.82 5.40 11.57
CA GLU A 230 -6.66 4.64 11.14
C GLU A 230 -6.81 3.15 11.45
N LYS A 231 -6.98 2.79 12.73
CA LYS A 231 -7.18 1.38 13.04
C LYS A 231 -8.49 0.87 12.45
N ILE A 232 -9.51 1.73 12.38
CA ILE A 232 -10.77 1.35 11.75
C ILE A 232 -10.55 0.97 10.29
N ALA A 233 -9.80 1.80 9.57
CA ALA A 233 -9.52 1.50 8.17
C ALA A 233 -8.73 0.21 8.04
N VAL A 234 -7.77 -0.01 8.95
CA VAL A 234 -7.01 -1.27 8.91
C VAL A 234 -7.94 -2.47 9.13
N ARG A 235 -8.89 -2.33 10.05
CA ARG A 235 -9.82 -3.43 10.33
C ARG A 235 -10.66 -3.77 9.11
N VAL A 236 -11.27 -2.75 8.51
CA VAL A 236 -12.07 -2.96 7.30
C VAL A 236 -11.21 -3.56 6.21
N GLN A 237 -9.95 -3.14 6.14
CA GLN A 237 -9.04 -3.64 5.12
C GLN A 237 -8.76 -5.12 5.32
N ALA A 238 -8.54 -5.54 6.56
CA ALA A 238 -8.34 -6.95 6.86
C ALA A 238 -9.59 -7.75 6.49
N ASP A 239 -10.77 -7.21 6.79
CA ASP A 239 -12.01 -7.87 6.39
C ASP A 239 -12.06 -8.08 4.88
N LEU A 240 -11.73 -7.03 4.12
CA LEU A 240 -11.77 -7.11 2.68
C LEU A 240 -10.76 -8.12 2.15
N THR A 241 -9.56 -8.14 2.72
CA THR A 241 -8.56 -9.12 2.32
C THR A 241 -9.05 -10.54 2.56
N ASN A 242 -9.67 -10.78 3.72
CA ASN A 242 -10.18 -12.12 4.01
C ASN A 242 -11.30 -12.51 3.06
N ALA A 243 -12.16 -11.56 2.69
CA ALA A 243 -13.19 -11.84 1.69
C ALA A 243 -12.56 -12.26 0.36
N TRP A 244 -11.59 -11.46 -0.12
CA TRP A 244 -10.90 -11.79 -1.36
C TRP A 244 -10.33 -13.20 -1.30
N LEU A 245 -9.62 -13.52 -0.21
CA LEU A 245 -9.06 -14.85 -0.07
C LEU A 245 -10.15 -15.91 -0.07
N SER A 246 -11.32 -15.59 0.52
CA SER A 246 -12.41 -16.54 0.58
C SER A 246 -12.97 -16.85 -0.80
N ILE A 247 -12.92 -15.91 -1.74
CA ILE A 247 -13.47 -16.14 -3.07
C ILE A 247 -12.39 -16.41 -4.12
N GLN A 248 -11.22 -16.90 -3.71
CA GLN A 248 -10.17 -17.34 -4.64
C GLN A 248 -9.59 -16.20 -5.46
N LYS A 249 -9.87 -14.95 -5.10
CA LYS A 249 -9.41 -13.80 -5.88
C LYS A 249 -7.91 -13.87 -6.08
N SER A 250 -7.47 -13.97 -7.33
CA SER A 250 -6.07 -14.25 -7.63
C SER A 250 -5.20 -13.04 -7.34
N PRO A 251 -3.91 -13.26 -7.03
CA PRO A 251 -3.00 -12.13 -6.82
C PRO A 251 -2.89 -11.22 -8.03
N ASN A 252 -2.98 -11.77 -9.24
CA ASN A 252 -3.01 -10.90 -10.42
C ASN A 252 -4.26 -10.03 -10.43
N ALA A 253 -5.40 -10.58 -10.05
CA ALA A 253 -6.62 -9.79 -10.00
C ALA A 253 -6.44 -8.60 -9.06
N ILE A 254 -5.92 -8.83 -7.85
CA ILE A 254 -5.69 -7.74 -6.91
C ILE A 254 -4.66 -6.76 -7.48
N PHE A 255 -3.57 -7.29 -8.04
CA PHE A 255 -2.54 -6.45 -8.61
C PHE A 255 -3.14 -5.44 -9.58
N LYS A 256 -3.98 -5.91 -10.50
CA LYS A 256 -4.66 -5.00 -11.42
C LYS A 256 -5.59 -4.06 -10.67
N LEU A 257 -6.39 -4.62 -9.74
CA LEU A 257 -7.38 -3.83 -9.02
C LEU A 257 -6.73 -2.67 -8.28
N LEU A 258 -5.45 -2.79 -7.93
CA LEU A 258 -4.71 -1.73 -7.28
C LEU A 258 -3.97 -0.84 -8.28
N LYS A 259 -4.24 -1.00 -9.57
CA LYS A 259 -3.64 -0.17 -10.62
C LYS A 259 -2.12 -0.18 -10.52
N LEU A 260 -1.55 -1.31 -10.12
CA LEU A 260 -0.11 -1.50 -10.09
C LEU A 260 0.45 -1.85 -11.46
N ASP A 261 -0.40 -2.19 -12.41
CA ASP A 261 -0.01 -2.50 -13.77
C ASP A 261 0.22 -1.26 -14.61
N MET A 262 0.23 -0.07 -14.01
CA MET A 262 0.29 1.18 -14.77
C MET A 262 1.56 1.96 -14.52
N GLY A 263 1.94 2.16 -13.26
CA GLY A 263 3.04 3.06 -12.94
C GLY A 263 4.42 2.54 -13.29
N GLY A 264 4.88 1.52 -12.56
CA GLY A 264 6.20 0.98 -12.80
C GLY A 264 7.31 1.78 -12.14
N ASP A 265 7.11 3.11 -12.07
CA ASP A 265 8.14 4.03 -11.58
C ASP A 265 8.31 3.87 -10.08
N ALA A 266 9.47 3.38 -9.66
CA ALA A 266 9.74 3.04 -8.26
C ALA A 266 8.70 2.07 -7.71
N LEU A 267 8.26 1.12 -8.54
CA LEU A 267 7.08 0.34 -8.22
C LEU A 267 7.27 -0.50 -6.95
N LEU A 268 8.49 -1.01 -6.72
CA LEU A 268 8.78 -1.77 -5.52
C LEU A 268 8.76 -0.91 -4.26
N GLU A 269 8.77 0.41 -4.40
CA GLU A 269 8.74 1.38 -3.31
C GLU A 269 7.31 1.69 -2.82
N SER A 270 6.30 1.45 -3.65
CA SER A 270 4.92 1.84 -3.39
C SER A 270 4.39 1.16 -2.14
N PRO A 271 3.52 1.82 -1.40
CA PRO A 271 2.82 1.14 -0.31
C PRO A 271 1.90 0.06 -0.84
N LEU A 272 1.12 0.40 -1.86
CA LEU A 272 0.19 -0.56 -2.44
C LEU A 272 0.91 -1.82 -2.90
N PHE A 273 2.11 -1.67 -3.44
CA PHE A 273 2.86 -2.85 -3.87
C PHE A 273 3.19 -3.76 -2.69
N VAL A 274 3.61 -3.18 -1.57
CA VAL A 274 3.94 -4.00 -0.41
C VAL A 274 2.69 -4.67 0.14
N ALA A 275 1.57 -3.95 0.18
CA ALA A 275 0.32 -4.55 0.62
C ALA A 275 -0.07 -5.72 -0.28
N TRP A 276 0.10 -5.57 -1.58
CA TRP A 276 -0.22 -6.65 -2.49
C TRP A 276 0.73 -7.83 -2.34
N THR A 277 2.01 -7.56 -2.03
CA THR A 277 2.93 -8.65 -1.75
C THR A 277 2.51 -9.43 -0.51
N LYS A 278 2.06 -8.71 0.53
CA LYS A 278 1.44 -9.39 1.67
C LYS A 278 0.27 -10.26 1.23
N TYR A 279 -0.63 -9.71 0.41
CA TYR A 279 -1.78 -10.48 -0.05
C TYR A 279 -1.33 -11.73 -0.80
N THR A 280 -0.23 -11.63 -1.55
CA THR A 280 0.24 -12.79 -2.30
C THR A 280 0.84 -13.85 -1.39
N ASP A 281 1.61 -13.43 -0.39
CA ASP A 281 2.05 -14.41 0.60
C ASP A 281 0.86 -15.13 1.22
N TYR A 282 -0.19 -14.37 1.56
CA TYR A 282 -1.38 -14.98 2.14
C TYR A 282 -2.01 -15.98 1.19
N TYR A 283 -2.24 -15.56 -0.06
CA TYR A 283 -2.85 -16.44 -1.05
C TYR A 283 -2.05 -17.73 -1.22
N ASN A 284 -0.72 -17.61 -1.31
CA ASN A 284 0.10 -18.78 -1.57
C ASN A 284 0.18 -19.70 -0.36
N LEU A 285 0.26 -19.12 0.85
CA LEU A 285 0.20 -19.95 2.05
C LEU A 285 -1.09 -20.74 2.10
N MET A 286 -2.22 -20.08 1.85
CA MET A 286 -3.50 -20.76 1.91
C MET A 286 -3.67 -21.75 0.76
N TYR A 287 -3.42 -21.30 -0.47
CA TYR A 287 -3.54 -22.17 -1.65
C TYR A 287 -2.16 -22.63 -2.12
N HIS A 288 -1.51 -23.43 -1.27
CA HIS A 288 -0.13 -23.82 -1.52
C HIS A 288 0.03 -24.77 -2.70
N LYS A 289 -1.06 -25.30 -3.27
CA LYS A 289 -0.96 -26.08 -4.49
C LYS A 289 -1.04 -25.22 -5.74
N GLU A 290 -1.69 -24.07 -5.66
CA GLU A 290 -1.92 -23.21 -6.82
C GLU A 290 -1.21 -21.87 -6.67
N THR A 291 0.06 -21.91 -6.26
CA THR A 291 0.78 -20.67 -5.98
C THR A 291 0.91 -19.81 -7.24
N PHE A 292 0.92 -18.49 -7.03
CA PHE A 292 1.24 -17.51 -8.07
C PHE A 292 2.36 -16.63 -7.53
N PRO A 293 3.62 -17.04 -7.69
CA PRO A 293 4.72 -16.21 -7.20
C PRO A 293 4.71 -14.84 -7.88
N VAL A 294 5.24 -13.85 -7.15
CA VAL A 294 5.20 -12.46 -7.62
C VAL A 294 5.69 -12.36 -9.06
N ILE A 295 6.69 -13.17 -9.41
CA ILE A 295 7.26 -13.05 -10.75
C ILE A 295 6.23 -13.42 -11.81
N SER A 296 5.37 -14.40 -11.52
CA SER A 296 4.34 -14.75 -12.49
C SER A 296 3.48 -13.53 -12.83
N THR A 297 3.01 -12.82 -11.80
CA THR A 297 2.20 -11.63 -12.02
C THR A 297 2.99 -10.56 -12.77
N LEU A 298 4.18 -10.23 -12.26
CA LEU A 298 4.93 -9.12 -12.84
C LEU A 298 5.28 -9.38 -14.30
N THR A 299 5.65 -10.62 -14.64
CA THR A 299 5.92 -10.95 -16.03
C THR A 299 4.64 -10.99 -16.86
N LYS A 300 3.51 -11.35 -16.26
CA LYS A 300 2.25 -11.23 -16.98
C LYS A 300 1.95 -9.79 -17.35
N ASN A 301 2.33 -8.83 -16.50
CA ASN A 301 1.87 -7.46 -16.68
C ASN A 301 2.92 -6.50 -17.21
N TYR A 302 4.17 -6.92 -17.38
CA TYR A 302 5.20 -6.01 -17.86
C TYR A 302 6.11 -6.72 -18.85
N PRO A 303 6.59 -6.03 -19.87
CA PRO A 303 7.54 -6.64 -20.80
C PRO A 303 8.83 -6.99 -20.08
N ASN A 304 9.51 -8.02 -20.58
CA ASN A 304 10.76 -8.46 -19.95
C ASN A 304 11.72 -7.29 -19.77
N ASP A 305 11.89 -6.47 -20.80
CA ASP A 305 12.83 -5.36 -20.71
C ASP A 305 12.42 -4.36 -19.64
N LYS A 306 11.15 -3.96 -19.62
CA LYS A 306 10.68 -3.01 -18.61
C LYS A 306 10.74 -3.61 -17.20
N LEU A 307 10.36 -4.87 -17.06
CA LEU A 307 10.40 -5.52 -15.75
C LEU A 307 11.83 -5.58 -15.22
N ALA A 308 12.76 -6.04 -16.06
CA ALA A 308 14.17 -6.08 -15.66
C ALA A 308 14.71 -4.67 -15.42
N SER A 309 14.17 -3.67 -16.12
CA SER A 309 14.56 -2.29 -15.84
C SER A 309 14.14 -1.88 -14.44
N ILE A 310 12.90 -2.20 -14.06
CA ILE A 310 12.46 -1.94 -12.70
C ILE A 310 13.39 -2.62 -11.70
N LEU A 311 13.68 -3.89 -11.93
CA LEU A 311 14.53 -4.65 -11.01
C LEU A 311 15.91 -4.01 -10.89
N ALA A 312 16.52 -3.66 -12.03
CA ALA A 312 17.85 -3.06 -12.02
C ALA A 312 17.86 -1.74 -11.26
N LEU A 313 16.94 -0.84 -11.61
CA LEU A 313 16.91 0.47 -10.95
C LEU A 313 16.64 0.32 -9.46
N ALA A 314 15.79 -0.63 -9.07
CA ALA A 314 15.38 -0.79 -7.68
C ALA A 314 16.42 -1.53 -6.84
N SER A 315 17.50 -2.03 -7.45
CA SER A 315 18.62 -2.57 -6.69
C SER A 315 19.61 -1.49 -6.29
N MET A 316 19.33 -0.23 -6.64
CA MET A 316 20.18 0.89 -6.26
C MET A 316 19.88 1.35 -4.84
N ASN A 317 18.60 1.57 -4.54
CA ASN A 317 18.19 1.89 -3.17
C ASN A 317 18.35 0.66 -2.29
N PRO A 318 19.07 0.76 -1.17
CA PRO A 318 19.18 -0.41 -0.28
C PRO A 318 17.82 -0.89 0.23
N SER A 319 16.89 0.03 0.46
CA SER A 319 15.59 -0.34 1.04
C SER A 319 14.94 -1.48 0.26
N THR A 320 14.95 -1.40 -1.06
CA THR A 320 14.37 -2.43 -1.91
C THR A 320 15.39 -3.46 -2.38
N GLU A 321 16.68 -3.20 -2.17
CA GLU A 321 17.74 -4.03 -2.77
C GLU A 321 17.43 -5.51 -2.61
N SER A 322 17.33 -5.97 -1.36
CA SER A 322 17.06 -7.37 -1.09
C SER A 322 15.95 -7.88 -2.00
N LEU A 323 14.76 -7.29 -1.90
CA LEU A 323 13.64 -7.77 -2.69
C LEU A 323 14.00 -7.83 -4.17
N ALA A 324 14.54 -6.72 -4.69
CA ALA A 324 14.88 -6.69 -6.11
C ALA A 324 15.75 -7.89 -6.47
N SER A 325 16.77 -8.16 -5.67
CA SER A 325 17.64 -9.29 -5.98
C SER A 325 16.84 -10.58 -6.01
N GLN A 326 16.05 -10.83 -4.95
CA GLN A 326 15.13 -11.96 -4.98
C GLN A 326 14.47 -12.04 -6.35
N LEU A 327 13.81 -10.95 -6.74
CA LEU A 327 13.05 -10.95 -7.98
C LEU A 327 13.95 -11.27 -9.16
N GLN A 328 15.11 -10.61 -9.24
CA GLN A 328 16.02 -10.94 -10.33
C GLN A 328 16.31 -12.42 -10.36
N ARG A 329 16.66 -12.99 -9.20
CA ARG A 329 16.89 -14.42 -9.14
C ARG A 329 15.69 -15.16 -9.71
N GLU A 330 14.50 -14.84 -9.18
CA GLU A 330 13.29 -15.49 -9.69
C GLU A 330 13.11 -15.23 -11.18
N LEU A 331 13.30 -13.99 -11.61
CA LEU A 331 13.18 -13.71 -13.04
C LEU A 331 14.11 -14.61 -13.83
N LEU A 332 15.34 -14.77 -13.35
CA LEU A 332 16.27 -15.65 -14.04
C LEU A 332 15.71 -17.05 -14.13
N GLU A 333 15.22 -17.59 -13.01
CA GLU A 333 14.54 -18.88 -13.04
C GLU A 333 13.42 -18.89 -14.08
N ASN A 334 12.60 -17.85 -14.10
CA ASN A 334 11.49 -17.82 -15.05
C ASN A 334 12.01 -18.07 -16.46
N TRP A 335 13.15 -17.45 -16.80
CA TRP A 335 13.70 -17.62 -18.14
C TRP A 335 14.22 -19.04 -18.33
N TYR A 336 14.89 -19.59 -17.31
CA TYR A 336 15.37 -20.96 -17.40
C TYR A 336 14.21 -21.93 -17.50
N LYS A 337 13.13 -21.68 -16.76
CA LYS A 337 11.98 -22.58 -16.80
C LYS A 337 11.43 -22.68 -18.21
N GLN A 338 11.39 -21.57 -18.95
CA GLN A 338 11.01 -21.65 -20.36
C GLN A 338 12.13 -22.25 -21.19
N GLY A 339 13.22 -21.48 -21.33
CA GLY A 339 14.48 -21.95 -21.86
C GLY A 339 14.74 -21.73 -23.34
N ASN A 340 15.55 -20.72 -23.71
CA ASN A 340 16.46 -20.75 -24.87
C ASN A 340 17.06 -19.35 -25.06
N ALA A 341 18.06 -19.34 -25.95
CA ALA A 341 18.64 -18.21 -26.68
C ALA A 341 19.02 -16.99 -25.84
N PRO A 342 20.11 -17.11 -25.11
CA PRO A 342 20.73 -15.92 -24.50
C PRO A 342 20.76 -14.79 -25.51
N SER A 343 20.99 -15.10 -26.79
CA SER A 343 20.76 -14.10 -27.82
C SER A 343 19.28 -13.74 -27.94
N TYR A 344 18.38 -14.73 -27.74
CA TYR A 344 16.96 -14.39 -27.63
C TYR A 344 16.70 -13.47 -26.45
N VAL A 345 17.34 -13.72 -25.31
CA VAL A 345 17.11 -12.83 -24.18
C VAL A 345 17.66 -11.44 -24.48
N PHE A 346 18.77 -11.40 -25.22
CA PHE A 346 19.32 -10.12 -25.71
C PHE A 346 18.31 -9.40 -26.59
N LYS A 347 17.57 -10.16 -27.40
CA LYS A 347 16.49 -9.60 -28.20
C LYS A 347 15.31 -9.18 -27.31
N ARG A 348 14.91 -10.07 -26.40
CA ARG A 348 13.85 -9.81 -25.43
C ARG A 348 14.13 -8.54 -24.67
N LEU A 349 15.40 -8.27 -24.40
CA LEU A 349 15.77 -7.13 -23.59
C LEU A 349 15.82 -5.86 -24.40
N GLN A 350 15.50 -5.91 -25.69
CA GLN A 350 15.61 -4.76 -26.57
C GLN A 350 17.04 -4.23 -26.60
N LEU A 351 17.99 -5.09 -26.24
CA LEU A 351 19.38 -4.68 -26.04
C LEU A 351 20.10 -4.40 -27.35
N ASP A 352 19.61 -4.94 -28.46
CA ASP A 352 20.22 -4.68 -29.76
C ASP A 352 19.82 -3.30 -30.24
N LYS A 353 20.14 -2.30 -29.45
CA LYS A 353 20.05 -0.89 -29.79
C LYS A 353 21.38 -0.23 -29.46
N THR A 354 22.45 -0.86 -29.93
CA THR A 354 23.82 -0.54 -29.55
C THR A 354 24.23 0.82 -30.13
N GLY A 355 25.49 1.19 -29.89
CA GLY A 355 25.89 2.58 -29.97
C GLY A 355 26.22 3.11 -28.59
N GLU A 356 25.27 3.80 -27.96
CA GLU A 356 25.40 4.18 -26.56
C GLU A 356 24.99 2.99 -25.72
N ARG A 357 25.22 1.80 -26.29
CA ARG A 357 24.85 0.50 -25.75
C ARG A 357 25.40 0.22 -24.36
N LEU A 358 26.72 0.11 -24.22
CA LEU A 358 27.31 -0.22 -22.93
C LEU A 358 26.99 0.85 -21.88
N PHE A 359 26.85 2.11 -22.30
CA PHE A 359 26.72 3.20 -21.35
C PHE A 359 25.45 3.07 -20.52
N ASP A 360 24.30 2.90 -21.17
CA ASP A 360 23.09 2.87 -20.37
C ASP A 360 22.71 1.47 -19.93
N SER A 361 22.06 0.72 -20.82
CA SER A 361 21.74 -0.70 -20.68
C SER A 361 21.79 -1.14 -19.23
N PRO A 362 21.05 -0.50 -18.30
CA PRO A 362 21.05 -1.00 -16.92
C PRO A 362 20.66 -2.45 -16.85
N ILE A 363 20.14 -2.97 -17.95
CA ILE A 363 19.65 -4.33 -18.04
C ILE A 363 20.73 -5.29 -18.56
N LEU A 364 21.85 -4.76 -19.05
CA LEU A 364 22.90 -5.62 -19.57
C LEU A 364 23.47 -6.53 -18.49
N ASP A 365 23.72 -5.98 -17.30
CA ASP A 365 24.16 -6.82 -16.19
C ASP A 365 23.19 -7.97 -15.98
N THR A 366 21.90 -7.72 -16.15
CA THR A 366 20.92 -8.80 -16.03
C THR A 366 21.11 -9.84 -17.14
N TRP A 367 21.42 -9.39 -18.36
CA TRP A 367 21.72 -10.33 -19.43
C TRP A 367 22.88 -11.24 -19.04
N ARG A 368 23.98 -10.64 -18.60
CA ARG A 368 25.16 -11.44 -18.26
C ARG A 368 24.86 -12.36 -17.08
N GLN A 369 24.09 -11.88 -16.11
CA GLN A 369 23.62 -12.72 -15.02
C GLN A 369 22.90 -13.95 -15.56
N TYR A 370 21.99 -13.73 -16.51
CA TYR A 370 21.27 -14.86 -17.07
C TYR A 370 22.22 -15.82 -17.77
N VAL A 371 23.19 -15.28 -18.52
CA VAL A 371 24.14 -16.15 -19.22
C VAL A 371 24.91 -17.00 -18.23
N ASP A 372 25.30 -16.42 -17.09
CA ASP A 372 26.13 -17.14 -16.13
C ASP A 372 25.31 -18.14 -15.30
N TYR A 373 24.06 -17.81 -14.99
CA TYR A 373 23.07 -18.76 -14.48
C TYR A 373 22.89 -19.92 -15.45
N PHE A 374 22.69 -19.59 -16.73
CA PHE A 374 22.39 -20.55 -17.78
C PHE A 374 23.54 -21.52 -18.00
N ARG A 375 24.77 -21.00 -17.98
CA ARG A 375 25.95 -21.87 -18.00
C ARG A 375 25.97 -22.82 -16.81
N ARG A 376 25.51 -22.37 -15.64
CA ARG A 376 25.64 -23.16 -14.43
C ARG A 376 24.91 -24.48 -14.53
N ARG A 377 23.91 -24.55 -15.40
CA ARG A 377 22.95 -25.63 -15.44
C ARG A 377 22.92 -26.31 -16.79
N LYS A 378 23.53 -25.70 -17.80
CA LYS A 378 23.59 -26.22 -19.16
C LYS A 378 25.01 -26.07 -19.68
N PRO A 379 25.98 -26.68 -19.00
CA PRO A 379 27.40 -26.44 -19.38
C PRO A 379 27.71 -26.83 -20.82
N LYS A 380 27.36 -28.04 -21.24
CA LYS A 380 27.42 -28.34 -22.67
C LYS A 380 26.53 -27.36 -23.42
N GLN A 381 26.63 -27.35 -24.75
CA GLN A 381 26.00 -26.26 -25.50
C GLN A 381 26.66 -24.90 -25.32
N LYS A 382 27.73 -24.69 -26.08
CA LYS A 382 28.69 -23.59 -26.00
C LYS A 382 28.08 -22.22 -25.76
N VAL A 383 28.89 -21.38 -25.13
CA VAL A 383 28.54 -20.02 -24.76
C VAL A 383 29.27 -18.99 -25.60
N ASN A 384 30.08 -19.41 -26.56
CA ASN A 384 30.79 -18.48 -27.42
C ASN A 384 29.93 -17.94 -28.54
N MET A 385 28.70 -18.47 -28.68
CA MET A 385 27.64 -17.71 -29.31
C MET A 385 27.54 -16.32 -28.69
N LEU A 386 27.74 -16.24 -27.36
CA LEU A 386 27.86 -14.96 -26.68
C LEU A 386 28.85 -14.05 -27.42
N ALA A 387 30.02 -14.58 -27.76
CA ALA A 387 30.91 -13.83 -28.61
C ALA A 387 30.13 -13.29 -29.82
N ILE A 388 29.64 -14.20 -30.67
CA ILE A 388 28.88 -13.78 -31.83
C ILE A 388 27.64 -12.99 -31.44
N LEU A 389 27.12 -13.19 -30.21
CA LEU A 389 25.96 -12.41 -29.81
C LEU A 389 26.20 -10.92 -29.99
N LYS A 390 27.38 -10.43 -29.62
CA LYS A 390 27.71 -9.07 -30.02
C LYS A 390 27.79 -8.99 -31.54
N GLU A 391 28.57 -9.90 -32.16
CA GLU A 391 28.88 -9.83 -33.60
C GLU A 391 27.71 -10.14 -34.57
N HIS A 392 26.63 -10.84 -34.16
CA HIS A 392 25.38 -10.78 -34.97
C HIS A 392 25.12 -9.38 -35.51
N TYR A 393 25.28 -8.33 -34.71
CA TYR A 393 24.67 -7.05 -35.08
C TYR A 393 25.70 -6.09 -35.65
N LYS A 394 26.95 -6.52 -35.81
CA LYS A 394 28.11 -5.65 -35.70
C LYS A 394 29.37 -6.32 -36.24
N ASP A 395 30.50 -6.03 -35.60
CA ASP A 395 31.86 -6.34 -36.03
C ASP A 395 32.38 -5.41 -37.12
N ASP A 396 32.34 -4.12 -36.82
CA ASP A 396 33.12 -3.09 -37.48
C ASP A 396 34.05 -2.48 -36.42
N GLY A 397 34.71 -1.38 -36.79
CA GLY A 397 35.48 -0.65 -35.79
C GLY A 397 34.62 -0.02 -34.71
N VAL A 398 33.33 0.16 -34.96
CA VAL A 398 32.43 0.76 -33.98
C VAL A 398 32.34 -0.08 -32.72
N LEU A 399 32.21 -1.41 -32.89
CA LEU A 399 32.06 -2.28 -31.73
C LEU A 399 33.32 -2.27 -30.88
N ALA A 400 34.49 -2.38 -31.53
CA ALA A 400 35.75 -2.33 -30.80
C ALA A 400 35.92 -0.98 -30.12
N LYS A 401 35.51 0.10 -30.77
CA LYS A 401 35.52 1.41 -30.13
C LYS A 401 34.72 1.37 -28.84
N MET A 402 33.42 1.09 -28.95
CA MET A 402 32.56 0.97 -27.78
C MET A 402 33.25 0.21 -26.66
N LEU A 403 33.82 -0.95 -26.99
CA LEU A 403 34.54 -1.72 -25.97
C LEU A 403 35.69 -0.91 -25.38
N VAL A 404 36.40 -0.16 -26.21
CA VAL A 404 37.55 0.60 -25.72
C VAL A 404 37.10 1.66 -24.71
N GLU A 405 36.11 2.47 -25.08
CA GLU A 405 35.62 3.46 -24.13
C GLU A 405 35.08 2.80 -22.86
N ALA A 406 34.45 1.63 -23.00
CA ALA A 406 33.90 0.95 -21.84
C ALA A 406 34.96 0.30 -20.95
N SER A 407 36.16 0.06 -21.48
CA SER A 407 37.21 -0.57 -20.69
C SER A 407 37.61 0.28 -19.48
N GLU A 408 37.48 1.60 -19.58
CA GLU A 408 37.80 2.48 -18.47
C GLU A 408 36.55 2.93 -17.71
N VAL A 409 35.43 2.27 -17.95
CA VAL A 409 34.23 2.44 -17.12
C VAL A 409 34.24 1.29 -16.13
N SER A 410 34.54 1.60 -14.87
CA SER A 410 34.62 0.57 -13.84
C SER A 410 33.38 -0.31 -13.87
N SER A 411 32.21 0.31 -13.97
CA SER A 411 30.97 -0.43 -14.12
C SER A 411 31.12 -1.58 -15.10
N THR A 412 31.75 -1.31 -16.24
CA THR A 412 31.79 -2.24 -17.36
C THR A 412 33.18 -2.82 -17.63
N LYS A 413 34.18 -2.47 -16.82
CA LYS A 413 35.56 -2.72 -17.20
C LYS A 413 35.84 -4.22 -17.39
N THR A 414 35.39 -5.04 -16.45
CA THR A 414 35.65 -6.47 -16.53
C THR A 414 35.06 -7.07 -17.81
N MET A 415 33.78 -6.77 -18.05
CA MET A 415 33.10 -7.29 -19.24
C MET A 415 33.76 -6.79 -20.52
N ALA A 416 34.13 -5.51 -20.55
CA ALA A 416 34.76 -4.93 -21.73
C ALA A 416 36.09 -5.60 -22.02
N THR A 417 36.91 -5.81 -20.99
CA THR A 417 38.18 -6.50 -21.19
C THR A 417 37.96 -7.91 -21.69
N ASP A 418 36.95 -8.60 -21.15
CA ASP A 418 36.65 -9.96 -21.60
C ASP A 418 36.30 -9.98 -23.09
N LEU A 419 35.41 -9.08 -23.51
CA LEU A 419 35.00 -9.05 -24.91
C LEU A 419 36.14 -8.63 -25.83
N LEU A 420 37.00 -7.71 -25.36
CA LEU A 420 38.18 -7.34 -26.14
C LEU A 420 39.09 -8.55 -26.32
N ASP A 421 39.25 -9.35 -25.26
CA ASP A 421 39.99 -10.60 -25.37
C ASP A 421 39.36 -11.49 -26.44
N ALA A 422 38.02 -11.53 -26.48
CA ALA A 422 37.33 -12.33 -27.49
C ALA A 422 37.61 -11.84 -28.91
N PHE A 423 37.55 -10.53 -29.15
CA PHE A 423 38.06 -9.99 -30.42
C PHE A 423 39.48 -10.48 -30.72
N THR A 424 40.39 -10.31 -29.77
CA THR A 424 41.76 -10.73 -30.03
C THR A 424 41.80 -12.16 -30.53
N LEU A 425 41.01 -13.04 -29.91
CA LEU A 425 40.97 -14.42 -30.38
C LEU A 425 40.30 -14.56 -31.75
N ARG A 426 39.30 -13.74 -32.07
CA ARG A 426 38.68 -13.88 -33.39
C ARG A 426 39.55 -13.32 -34.50
N TRP A 427 39.83 -12.01 -34.48
CA TRP A 427 40.84 -11.59 -35.46
C TRP A 427 42.24 -12.09 -35.17
N MET A 428 42.46 -12.96 -34.19
CA MET A 428 43.73 -13.69 -34.27
C MET A 428 43.66 -14.88 -35.25
N TYR A 429 42.50 -15.51 -35.49
CA TYR A 429 42.49 -16.37 -36.68
C TYR A 429 42.50 -15.63 -38.01
N ASN A 430 42.46 -14.32 -38.03
CA ASN A 430 42.63 -13.69 -39.32
C ASN A 430 44.06 -13.17 -39.41
N ARG A 431 44.38 -12.51 -40.52
CA ARG A 431 45.67 -11.87 -40.69
C ARG A 431 45.53 -10.35 -40.70
N GLU A 432 44.57 -9.83 -39.93
CA GLU A 432 44.27 -8.41 -39.98
C GLU A 432 45.46 -7.60 -39.46
N SER A 433 45.45 -6.32 -39.80
CA SER A 433 46.58 -5.43 -39.53
C SER A 433 47.77 -5.82 -40.40
N GLN A 439 43.82 -4.32 -34.78
CA GLN A 439 44.10 -4.00 -36.17
C GLN A 439 43.94 -2.50 -36.44
N TRP A 440 43.12 -1.84 -35.65
CA TRP A 440 42.66 -0.50 -36.01
C TRP A 440 43.61 0.61 -35.57
N LEU A 441 44.18 0.52 -34.38
CA LEU A 441 45.03 1.60 -33.88
C LEU A 441 45.57 1.23 -32.50
N ARG A 442 46.54 2.01 -32.02
CA ARG A 442 47.16 1.80 -30.72
C ARG A 442 47.66 3.07 -30.03
N VAL A 443 47.21 4.26 -30.44
CA VAL A 443 48.04 5.48 -30.47
C VAL A 443 48.72 5.88 -29.16
N GLU A 444 48.68 5.03 -28.14
CA GLU A 444 49.51 5.30 -26.97
C GLU A 444 50.73 4.37 -26.93
N GLY A 445 51.69 4.74 -26.07
CA GLY A 445 52.97 4.06 -25.97
C GLY A 445 53.04 2.99 -24.90
N THR A 446 52.47 3.25 -23.73
CA THR A 446 52.42 2.28 -22.64
C THR A 446 50.99 2.00 -22.19
N SER A 447 50.01 2.26 -23.05
CA SER A 447 48.62 2.05 -22.70
C SER A 447 48.23 0.58 -22.88
N LYS A 448 47.15 0.20 -22.19
CA LYS A 448 46.65 -1.17 -22.32
C LYS A 448 46.39 -1.52 -23.79
N ASP A 449 45.90 -0.55 -24.56
CA ASP A 449 45.81 -0.75 -26.00
C ASP A 449 47.18 -1.07 -26.59
N ASN A 450 48.21 -0.35 -26.13
CA ASN A 450 49.56 -0.63 -26.61
C ASN A 450 49.93 -2.08 -26.40
N ALA A 451 49.71 -2.61 -25.20
CA ALA A 451 50.10 -3.98 -24.90
C ALA A 451 49.28 -4.99 -25.70
N ILE A 452 47.97 -4.78 -25.77
CA ILE A 452 47.12 -5.71 -26.51
C ILE A 452 47.55 -5.77 -27.97
N ARG A 453 47.73 -4.60 -28.59
CA ARG A 453 48.16 -4.55 -29.98
C ARG A 453 49.55 -5.16 -30.17
N LYS A 454 50.47 -4.88 -29.24
CA LYS A 454 51.82 -5.42 -29.35
C LYS A 454 51.80 -6.94 -29.38
N MET A 455 51.07 -7.55 -28.46
CA MET A 455 51.12 -9.01 -28.43
C MET A 455 50.27 -9.65 -29.52
N TYR A 456 49.21 -8.98 -29.99
CA TYR A 456 48.55 -9.47 -31.19
C TYR A 456 49.52 -9.48 -32.38
N GLU A 457 50.25 -8.37 -32.56
CA GLU A 457 51.30 -8.29 -33.55
C GLU A 457 52.25 -9.48 -33.46
N ASN A 458 52.93 -9.62 -32.32
CA ASN A 458 53.96 -10.64 -32.19
C ASN A 458 53.41 -12.05 -32.03
N TYR A 459 52.10 -12.23 -31.93
CA TYR A 459 51.51 -13.55 -32.02
C TYR A 459 51.16 -13.94 -33.45
N ASP A 460 50.83 -12.95 -34.30
CA ASP A 460 50.52 -13.27 -35.69
C ASP A 460 51.70 -13.92 -36.40
N GLN A 461 52.94 -13.60 -35.98
CA GLN A 461 54.10 -14.09 -36.70
C GLN A 461 54.26 -15.60 -36.57
N LEU A 462 53.95 -16.15 -35.40
CA LEU A 462 54.08 -17.59 -35.17
C LEU A 462 52.85 -18.34 -35.66
#